data_4ZTP
#
_entry.id   4ZTP
#
_cell.length_a   105.433
_cell.length_b   78.553
_cell.length_c   68.480
_cell.angle_alpha   90.00
_cell.angle_beta   92.25
_cell.angle_gamma   90.00
#
_symmetry.space_group_name_H-M   'C 1 2 1'
#
loop_
_entity.id
_entity.type
_entity.pdbx_description
1 polymer 'Light chain of Fab fragment of rabbit monoclonal antibody R53'
2 polymer 'Heavy chain of Fab fragment of rabbit monoclonal antibody R53'
3 water water
#
loop_
_entity_poly.entity_id
_entity_poly.type
_entity_poly.pdbx_seq_one_letter_code
_entity_poly.pdbx_strand_id
1 'polypeptide(L)'
;GPVLTQTPPSASEPVGGTVTIKCQASQAIDEYLGWYQQKPGQRPKLLMYYASTLASGVPSRFKGSGSGTQFTLTISDLEC
ADAATYYCQNYYVGSSTNYAFTFGGGTEVVVKGDPVAPTVLIFPPAADQVATGTVTIVCVANKYFPDVTVTWEVDGTTQT
TGIENSKTPQNSADCTYNLSSTLTLTSTQYNSHKEYTCKVTQGTTSVVQSFNRGDC
;
L
2 'polypeptide(L)'
;QSLEESGGGPVKPGGTLTLTCKASGIDFSSFYYMCWVRQAPGKGLEWIACIVTDITGESYYATWAKGRFAISKTSSTTVT
LQMTSLTAADTATYFCARGDTYGYGDTVYALNLWGPGTLVTVSSGQPKAPSVFPLAPCCGDTPSSTVTLGCLVKGYLPEP
VTVTWNSGTLTNGVRTFPSVRQSSGLYSLSSVVSVTSSSQPVTCNVAHPATNTKVDKTVAPST
;
H
#
# COMPACT_ATOMS: atom_id res chain seq x y z
N GLY A 1 -13.54 5.82 23.34
CA GLY A 1 -14.99 5.99 23.24
C GLY A 1 -15.70 4.81 22.58
N PRO A 2 -16.61 5.12 21.63
CA PRO A 2 -17.45 4.12 20.96
C PRO A 2 -16.64 3.23 20.04
N VAL A 3 -17.10 1.99 19.85
CA VAL A 3 -16.51 1.10 18.86
C VAL A 3 -17.33 1.18 17.57
N LEU A 4 -16.66 1.38 16.44
CA LEU A 4 -17.34 1.42 15.16
C LEU A 4 -17.14 0.13 14.37
N THR A 5 -18.25 -0.51 14.01
CA THR A 5 -18.22 -1.74 13.25
C THR A 5 -18.70 -1.51 11.84
N GLN A 6 -17.84 -1.78 10.87
CA GLN A 6 -18.19 -1.64 9.47
C GLN A 6 -18.54 -2.97 8.83
N THR A 7 -19.57 -2.94 7.99
CA THR A 7 -19.99 -4.09 7.19
C THR A 7 -20.39 -3.63 5.78
N PRO A 8 -20.22 -4.49 4.77
CA PRO A 8 -19.51 -5.77 4.85
C PRO A 8 -18.00 -5.55 4.94
N PRO A 9 -17.24 -6.61 5.25
CA PRO A 9 -15.78 -6.41 5.26
C PRO A 9 -15.26 -6.12 3.85
N SER A 10 -15.91 -6.69 2.85
CA SER A 10 -15.57 -6.42 1.45
C SER A 10 -16.83 -6.49 0.58
N ALA A 11 -16.89 -5.61 -0.42
CA ALA A 11 -18.01 -5.59 -1.34
C ALA A 11 -17.44 -5.56 -2.76
N SER A 12 -18.11 -6.22 -3.69
CA SER A 12 -17.74 -6.17 -5.09
C SER A 12 -18.94 -5.80 -5.91
N GLU A 13 -18.84 -4.73 -6.68
CA GLU A 13 -19.96 -4.28 -7.49
C GLU A 13 -19.48 -3.86 -8.87
N PRO A 14 -20.35 -3.93 -9.87
CA PRO A 14 -19.92 -3.62 -11.24
C PRO A 14 -19.74 -2.12 -11.50
N VAL A 15 -18.88 -1.81 -12.47
CA VAL A 15 -18.79 -0.45 -13.01
C VAL A 15 -20.16 0.07 -13.36
N GLY A 16 -20.44 1.31 -12.97
CA GLY A 16 -21.73 1.92 -13.23
C GLY A 16 -22.73 1.64 -12.12
N GLY A 17 -22.38 0.68 -11.25
CA GLY A 17 -23.28 0.26 -10.21
C GLY A 17 -23.31 1.12 -8.96
N THR A 18 -24.04 0.66 -7.97
CA THR A 18 -24.26 1.42 -6.74
C THR A 18 -23.99 0.51 -5.58
N VAL A 19 -23.22 0.99 -4.62
CA VAL A 19 -22.92 0.20 -3.45
C VAL A 19 -23.24 1.01 -2.18
N THR A 20 -23.86 0.35 -1.21
CA THR A 20 -24.12 0.99 0.07
C THR A 20 -23.38 0.19 1.15
N ILE A 21 -22.55 0.86 1.94
CA ILE A 21 -21.81 0.20 3.01
C ILE A 21 -22.17 0.84 4.36
N LYS A 22 -21.98 0.08 5.44
CA LYS A 22 -22.56 0.44 6.74
C LYS A 22 -21.53 0.65 7.83
N CYS A 23 -21.84 1.56 8.76
CA CYS A 23 -21.00 1.80 9.92
C CYS A 23 -21.89 1.87 11.15
N GLN A 24 -21.62 1.04 12.14
CA GLN A 24 -22.47 0.98 13.33
C GLN A 24 -21.68 1.32 14.59
N ALA A 25 -22.21 2.25 15.38
CA ALA A 25 -21.52 2.68 16.60
C ALA A 25 -22.08 1.96 17.80
N SER A 26 -21.20 1.63 18.74
CA SER A 26 -21.62 0.83 19.90
C SER A 26 -22.46 1.66 20.85
N GLN A 27 -22.33 2.97 20.77
CA GLN A 27 -23.22 3.86 21.50
C GLN A 27 -23.48 5.12 20.67
N ALA A 28 -24.51 5.88 21.05
CA ALA A 28 -24.95 7.02 20.22
C ALA A 28 -23.86 8.08 20.09
N ILE A 29 -23.68 8.58 18.86
CA ILE A 29 -22.66 9.59 18.60
C ILE A 29 -23.21 10.75 17.75
N ASP A 30 -24.52 10.93 17.78
CA ASP A 30 -25.20 12.00 17.04
C ASP A 30 -24.83 11.90 15.57
N GLU A 31 -24.29 12.96 14.98
CA GLU A 31 -23.79 12.83 13.63
C GLU A 31 -22.29 13.08 13.54
N TYR A 32 -21.56 12.81 14.63
CA TYR A 32 -20.13 13.09 14.67
C TYR A 32 -19.35 11.96 14.01
N LEU A 33 -19.50 11.86 12.70
CA LEU A 33 -19.06 10.69 11.97
C LEU A 33 -18.61 11.10 10.58
N GLY A 34 -17.37 10.74 10.25
CA GLY A 34 -16.81 11.05 8.95
C GLY A 34 -16.52 9.79 8.16
N TRP A 35 -16.44 9.95 6.85
CA TRP A 35 -16.09 8.83 5.96
C TRP A 35 -14.86 9.18 5.17
N TYR A 36 -13.98 8.19 4.98
CA TYR A 36 -12.73 8.37 4.27
C TYR A 36 -12.56 7.34 3.18
N GLN A 37 -11.87 7.74 2.12
CA GLN A 37 -11.43 6.82 1.06
C GLN A 37 -9.91 6.62 1.13
N GLN A 38 -9.46 5.37 1.05
CA GLN A 38 -8.03 5.10 0.96
C GLN A 38 -7.74 4.07 -0.14
N LYS A 39 -7.07 4.52 -1.17
CA LYS A 39 -6.61 3.62 -2.22
C LYS A 39 -5.28 3.02 -1.81
N PRO A 40 -4.98 1.80 -2.30
CA PRO A 40 -3.73 1.13 -1.92
C PRO A 40 -2.50 2.01 -2.15
N GLY A 41 -1.63 2.08 -1.15
CA GLY A 41 -0.43 2.89 -1.27
C GLY A 41 -0.62 4.40 -1.22
N GLN A 42 -1.84 4.85 -0.92
CA GLN A 42 -2.08 6.29 -0.84
C GLN A 42 -2.58 6.68 0.55
N ARG A 43 -2.60 7.98 0.80
CA ARG A 43 -3.11 8.50 2.07
C ARG A 43 -4.64 8.55 2.07
N PRO A 44 -5.25 8.57 3.27
CA PRO A 44 -6.72 8.68 3.31
C PRO A 44 -7.20 10.01 2.77
N LYS A 45 -8.41 10.02 2.23
CA LYS A 45 -9.07 11.24 1.74
C LYS A 45 -10.44 11.37 2.38
N LEU A 46 -10.73 12.53 2.95
CA LEU A 46 -12.05 12.77 3.53
C LEU A 46 -13.10 12.85 2.43
N LEU A 47 -14.19 12.10 2.58
CA LEU A 47 -15.30 12.14 1.63
C LEU A 47 -16.50 12.91 2.16
N MET A 48 -16.69 12.80 3.47
CA MET A 48 -17.97 13.11 4.10
C MET A 48 -17.76 13.43 5.57
N TYR A 49 -18.43 14.45 6.09
CA TYR A 49 -18.31 14.76 7.52
C TYR A 49 -19.68 15.17 8.06
N TYR A 50 -19.82 15.18 9.39
CA TYR A 50 -21.14 15.30 10.02
C TYR A 50 -22.15 14.35 9.37
N ALA A 51 -21.68 13.12 9.08
CA ALA A 51 -22.46 12.00 8.53
C ALA A 51 -22.88 12.17 7.07
N SER A 52 -23.27 13.38 6.67
CA SER A 52 -23.87 13.55 5.35
C SER A 52 -23.39 14.75 4.56
N THR A 53 -22.45 15.52 5.11
CA THR A 53 -21.95 16.69 4.38
C THR A 53 -20.76 16.33 3.50
N LEU A 54 -20.88 16.59 2.20
CA LEU A 54 -19.83 16.29 1.24
C LEU A 54 -18.61 17.14 1.48
N ALA A 55 -17.45 16.50 1.49
CA ALA A 55 -16.17 17.22 1.55
C ALA A 55 -15.96 17.99 0.26
N SER A 56 -15.16 19.05 0.34
CA SER A 56 -14.92 19.91 -0.81
C SER A 56 -14.37 19.11 -1.98
N GLY A 57 -15.02 19.23 -3.14
CA GLY A 57 -14.54 18.60 -4.36
C GLY A 57 -15.09 17.21 -4.62
N VAL A 58 -15.73 16.62 -3.62
CA VAL A 58 -16.23 15.26 -3.75
C VAL A 58 -17.59 15.27 -4.45
N PRO A 59 -17.76 14.43 -5.48
CA PRO A 59 -19.01 14.38 -6.25
C PRO A 59 -20.21 13.90 -5.45
N SER A 60 -21.39 14.38 -5.83
CA SER A 60 -22.63 14.05 -5.13
C SER A 60 -23.05 12.60 -5.31
N ARG A 61 -22.35 11.83 -6.13
CA ARG A 61 -22.68 10.41 -6.24
C ARG A 61 -22.19 9.66 -4.99
N PHE A 62 -21.42 10.33 -4.14
CA PHE A 62 -21.13 9.84 -2.79
C PHE A 62 -22.18 10.43 -1.86
N LYS A 63 -22.89 9.59 -1.13
CA LYS A 63 -23.96 10.06 -0.26
C LYS A 63 -23.93 9.42 1.11
N GLY A 64 -23.85 10.23 2.15
CA GLY A 64 -23.75 9.71 3.50
C GLY A 64 -25.06 9.92 4.23
N SER A 65 -25.41 9.00 5.12
CA SER A 65 -26.62 9.15 5.91
C SER A 65 -26.46 8.56 7.32
N GLY A 66 -27.38 8.92 8.21
CA GLY A 66 -27.41 8.28 9.50
C GLY A 66 -27.23 9.24 10.65
N SER A 67 -27.57 8.76 11.84
CA SER A 67 -27.39 9.51 13.07
C SER A 67 -27.51 8.51 14.22
N GLY A 68 -26.99 8.86 15.38
CA GLY A 68 -27.10 7.98 16.52
C GLY A 68 -26.10 6.84 16.46
N THR A 69 -26.53 5.66 16.01
CA THR A 69 -25.60 4.54 15.93
C THR A 69 -25.48 3.90 14.55
N GLN A 70 -26.36 4.27 13.62
CA GLN A 70 -26.34 3.59 12.34
C GLN A 70 -26.12 4.56 11.19
N PHE A 71 -25.06 4.31 10.44
CA PHE A 71 -24.62 5.22 9.37
C PHE A 71 -24.39 4.45 8.10
N THR A 72 -24.58 5.13 6.96
CA THR A 72 -24.31 4.50 5.68
C THR A 72 -23.56 5.42 4.74
N LEU A 73 -22.74 4.82 3.88
CA LEU A 73 -22.15 5.52 2.75
C LEU A 73 -22.64 4.83 1.50
N THR A 74 -23.18 5.59 0.56
CA THR A 74 -23.63 5.05 -0.72
C THR A 74 -22.84 5.68 -1.85
N ILE A 75 -22.23 4.85 -2.68
CA ILE A 75 -21.52 5.35 -3.85
C ILE A 75 -22.24 4.90 -5.10
N SER A 76 -22.71 5.85 -5.92
CA SER A 76 -23.35 5.44 -7.16
C SER A 76 -22.49 5.77 -8.39
N ASP A 77 -22.91 5.25 -9.53
CA ASP A 77 -22.18 5.41 -10.78
C ASP A 77 -20.71 5.01 -10.60
N LEU A 78 -20.50 3.85 -9.98
CA LEU A 78 -19.16 3.39 -9.63
C LEU A 78 -18.20 3.44 -10.79
N GLU A 79 -17.00 3.92 -10.53
CA GLU A 79 -15.92 3.92 -11.50
C GLU A 79 -14.82 3.00 -11.02
N CYS A 80 -14.04 2.44 -11.94
CA CYS A 80 -12.85 1.68 -11.55
C CYS A 80 -11.97 2.48 -10.59
N ALA A 81 -11.95 3.79 -10.76
CA ALA A 81 -11.19 4.67 -9.89
C ALA A 81 -11.69 4.68 -8.44
N ASP A 82 -12.90 4.17 -8.19
CA ASP A 82 -13.44 4.14 -6.82
C ASP A 82 -12.98 2.92 -6.03
N ALA A 83 -12.25 2.00 -6.67
CA ALA A 83 -11.76 0.85 -5.94
C ALA A 83 -10.82 1.30 -4.82
N ALA A 84 -11.16 0.94 -3.58
CA ALA A 84 -10.49 1.50 -2.41
C ALA A 84 -11.02 0.84 -1.17
N THR A 85 -10.41 1.14 -0.02
CA THR A 85 -11.03 0.78 1.24
C THR A 85 -11.61 2.05 1.85
N TYR A 86 -12.79 1.91 2.44
CA TYR A 86 -13.52 3.04 2.97
C TYR A 86 -13.63 2.89 4.47
N TYR A 87 -13.34 3.96 5.19
CA TYR A 87 -13.35 3.95 6.66
C TYR A 87 -14.34 4.94 7.22
N CYS A 88 -15.02 4.58 8.30
CA CYS A 88 -15.75 5.62 9.05
C CYS A 88 -14.93 6.02 10.28
N GLN A 89 -15.23 7.18 10.86
CA GLN A 89 -14.50 7.64 12.04
C GLN A 89 -15.39 8.52 12.91
N ASN A 90 -15.36 8.28 14.22
CA ASN A 90 -15.97 9.18 15.20
C ASN A 90 -15.00 10.34 15.37
N TYR A 91 -15.47 11.57 15.24
CA TYR A 91 -14.60 12.73 15.41
C TYR A 91 -15.33 13.69 16.33
N TYR A 92 -14.84 13.83 17.56
CA TYR A 92 -15.62 14.56 18.56
C TYR A 92 -14.81 14.87 19.80
N VAL A 93 -14.88 16.11 20.24
CA VAL A 93 -14.37 16.47 21.55
C VAL A 93 -15.48 17.19 22.30
N GLY A 94 -15.93 16.58 23.40
CA GLY A 94 -16.84 17.22 24.33
C GLY A 94 -16.07 17.84 25.51
N SER A 95 -15.05 17.14 25.97
CA SER A 95 -14.19 17.60 27.07
C SER A 95 -12.92 16.77 27.15
N SER A 96 -12.08 17.03 28.15
CA SER A 96 -10.86 16.26 28.34
C SER A 96 -11.18 14.83 28.72
N THR A 97 -12.40 14.57 29.16
CA THR A 97 -12.78 13.23 29.60
C THR A 97 -13.85 12.62 28.71
N ASN A 98 -14.19 13.34 27.64
CA ASN A 98 -15.23 12.90 26.71
C ASN A 98 -14.84 13.27 25.29
N TYR A 99 -14.15 12.38 24.62
CA TYR A 99 -13.70 12.63 23.25
C TYR A 99 -13.61 11.31 22.52
N ALA A 100 -13.58 11.37 21.18
CA ALA A 100 -13.34 10.15 20.41
C ALA A 100 -12.82 10.48 19.04
N PHE A 101 -11.88 9.66 18.57
CA PHE A 101 -11.32 9.84 17.24
C PHE A 101 -11.12 8.50 16.56
N THR A 102 -11.80 7.46 17.06
CA THR A 102 -11.53 6.11 16.59
C THR A 102 -12.18 5.79 15.24
N PHE A 103 -11.46 4.98 14.46
CA PHE A 103 -11.92 4.53 13.16
C PHE A 103 -12.65 3.19 13.20
N GLY A 104 -13.54 2.98 12.23
CA GLY A 104 -14.05 1.65 11.96
C GLY A 104 -12.97 0.80 11.28
N GLY A 105 -13.25 -0.48 11.12
CA GLY A 105 -12.25 -1.40 10.60
C GLY A 105 -12.05 -1.37 9.09
N GLY A 106 -12.91 -0.63 8.38
CA GLY A 106 -12.75 -0.51 6.95
C GLY A 106 -13.58 -1.48 6.14
N THR A 107 -14.01 -1.02 4.97
CA THR A 107 -14.68 -1.87 3.99
C THR A 107 -13.93 -1.78 2.68
N GLU A 108 -13.49 -2.92 2.16
CA GLU A 108 -12.84 -2.96 0.87
C GLU A 108 -13.89 -2.98 -0.24
N VAL A 109 -13.75 -2.11 -1.23
CA VAL A 109 -14.68 -2.12 -2.35
C VAL A 109 -13.93 -2.45 -3.63
N VAL A 110 -14.27 -3.60 -4.22
CA VAL A 110 -13.75 -4.01 -5.52
C VAL A 110 -14.76 -3.62 -6.58
N VAL A 111 -14.30 -3.02 -7.68
CA VAL A 111 -15.19 -2.62 -8.75
C VAL A 111 -14.98 -3.59 -9.90
N LYS A 112 -16.07 -4.23 -10.34
CA LYS A 112 -15.93 -5.29 -11.36
C LYS A 112 -16.06 -4.76 -12.78
N GLY A 113 -15.04 -5.01 -13.58
CA GLY A 113 -15.10 -4.70 -15.00
C GLY A 113 -15.38 -5.97 -15.78
N ASP A 114 -15.32 -5.90 -17.10
CA ASP A 114 -15.50 -7.10 -17.91
C ASP A 114 -14.35 -8.07 -17.67
N PRO A 115 -14.64 -9.37 -17.70
CA PRO A 115 -13.61 -10.40 -17.53
C PRO A 115 -12.61 -10.37 -18.69
N VAL A 116 -11.33 -10.50 -18.38
CA VAL A 116 -10.31 -10.60 -19.41
C VAL A 116 -9.21 -11.52 -18.90
N ALA A 117 -8.75 -12.41 -19.76
CA ALA A 117 -7.72 -13.36 -19.39
C ALA A 117 -6.36 -12.67 -19.45
N PRO A 118 -5.45 -13.10 -18.59
CA PRO A 118 -4.14 -12.43 -18.58
C PRO A 118 -3.26 -12.82 -19.78
N THR A 119 -2.30 -11.97 -20.14
CA THR A 119 -1.16 -12.50 -20.89
C THR A 119 -0.09 -12.80 -19.84
N VAL A 120 0.68 -13.85 -20.09
CA VAL A 120 1.59 -14.33 -19.06
C VAL A 120 3.02 -14.35 -19.57
N LEU A 121 3.94 -13.89 -18.71
CA LEU A 121 5.37 -13.86 -19.02
C LEU A 121 6.12 -14.69 -17.99
N ILE A 122 7.19 -15.36 -18.41
CA ILE A 122 8.04 -16.06 -17.46
C ILE A 122 9.51 -15.66 -17.69
N PHE A 123 10.25 -15.52 -16.60
CA PHE A 123 11.64 -15.05 -16.64
C PHE A 123 12.57 -16.03 -15.92
N PRO A 124 13.43 -16.71 -16.67
CA PRO A 124 14.40 -17.59 -16.00
C PRO A 124 15.36 -16.77 -15.16
N PRO A 125 15.98 -17.38 -14.14
CA PRO A 125 17.00 -16.65 -13.38
C PRO A 125 18.23 -16.35 -14.24
N ALA A 126 18.85 -15.20 -14.00
CA ALA A 126 20.06 -14.85 -14.72
C ALA A 126 21.23 -15.65 -14.18
N ALA A 127 22.31 -15.77 -14.96
CA ALA A 127 23.47 -16.54 -14.52
C ALA A 127 23.99 -16.08 -13.16
N ASP A 128 23.94 -14.78 -12.89
CA ASP A 128 24.58 -14.33 -11.66
C ASP A 128 23.72 -14.60 -10.44
N GLN A 129 22.42 -14.83 -10.61
CA GLN A 129 21.66 -15.29 -9.45
C GLN A 129 21.99 -16.75 -9.16
N VAL A 130 22.15 -17.54 -10.22
CA VAL A 130 22.49 -18.95 -10.07
C VAL A 130 23.77 -19.08 -9.26
N ALA A 131 24.69 -18.14 -9.47
CA ALA A 131 25.97 -18.11 -8.76
C ALA A 131 25.83 -17.95 -7.25
N THR A 132 24.71 -17.39 -6.79
CA THR A 132 24.53 -17.13 -5.37
C THR A 132 24.09 -18.36 -4.59
N GLY A 133 23.70 -19.41 -5.29
CA GLY A 133 23.21 -20.60 -4.63
C GLY A 133 21.69 -20.65 -4.49
N THR A 134 21.02 -19.52 -4.71
CA THR A 134 19.56 -19.49 -4.68
C THR A 134 19.03 -18.81 -5.94
N VAL A 135 18.00 -19.39 -6.56
CA VAL A 135 17.41 -18.73 -7.73
C VAL A 135 15.93 -18.43 -7.53
N THR A 136 15.47 -17.44 -8.29
CA THR A 136 14.07 -17.05 -8.24
C THR A 136 13.54 -16.99 -9.66
N ILE A 137 12.52 -17.79 -9.96
CA ILE A 137 11.89 -17.77 -11.28
C ILE A 137 10.67 -16.86 -11.18
N VAL A 138 10.52 -15.95 -12.14
CA VAL A 138 9.47 -14.94 -12.01
C VAL A 138 8.45 -15.13 -13.11
N CYS A 139 7.18 -15.11 -12.69
CA CYS A 139 6.04 -15.21 -13.60
C CYS A 139 5.18 -13.99 -13.41
N VAL A 140 4.80 -13.34 -14.51
CA VAL A 140 3.97 -12.16 -14.43
C VAL A 140 2.70 -12.37 -15.22
N ALA A 141 1.57 -12.09 -14.60
CA ALA A 141 0.28 -12.14 -15.26
C ALA A 141 -0.20 -10.72 -15.45
N ASN A 142 -0.34 -10.30 -16.71
CA ASN A 142 -0.72 -8.92 -17.05
C ASN A 142 -2.20 -8.73 -17.32
N LYS A 143 -2.75 -7.64 -16.78
CA LYS A 143 -4.02 -7.07 -17.22
C LYS A 143 -5.17 -8.09 -17.24
N TYR A 144 -5.64 -8.48 -16.05
CA TYR A 144 -6.65 -9.53 -15.98
C TYR A 144 -7.73 -9.18 -14.97
N PHE A 145 -8.90 -9.80 -15.18
CA PHE A 145 -9.98 -9.76 -14.21
C PHE A 145 -10.92 -10.91 -14.55
N PRO A 146 -11.43 -11.62 -13.55
CA PRO A 146 -11.27 -11.47 -12.10
C PRO A 146 -9.99 -12.15 -11.61
N ASP A 147 -9.93 -12.39 -10.30
CA ASP A 147 -8.72 -12.92 -9.66
C ASP A 147 -8.27 -14.25 -10.23
N VAL A 148 -6.96 -14.46 -10.20
CA VAL A 148 -6.38 -15.71 -10.70
C VAL A 148 -5.82 -16.55 -9.58
N THR A 149 -5.59 -17.83 -9.88
CA THR A 149 -4.79 -18.69 -9.02
C THR A 149 -3.57 -19.15 -9.81
N VAL A 150 -2.43 -19.27 -9.13
CA VAL A 150 -1.20 -19.64 -9.81
C VAL A 150 -0.68 -20.99 -9.32
N THR A 151 -0.30 -21.83 -10.28
CA THR A 151 0.35 -23.10 -9.98
C THR A 151 1.69 -23.14 -10.68
N TRP A 152 2.69 -23.73 -10.03
CA TRP A 152 4.00 -23.91 -10.62
C TRP A 152 4.29 -25.38 -10.81
N GLU A 153 4.89 -25.73 -11.93
CA GLU A 153 5.35 -27.10 -12.15
C GLU A 153 6.82 -27.13 -12.55
N VAL A 154 7.55 -28.10 -12.02
CA VAL A 154 8.92 -28.32 -12.42
C VAL A 154 9.03 -29.75 -12.92
N ASP A 155 9.36 -29.91 -14.20
CA ASP A 155 9.35 -31.22 -14.87
C ASP A 155 8.06 -31.95 -14.54
N GLY A 156 6.94 -31.23 -14.60
CA GLY A 156 5.62 -31.82 -14.40
C GLY A 156 5.13 -31.94 -12.97
N THR A 157 6.00 -31.68 -12.00
CA THR A 157 5.64 -31.82 -10.59
C THR A 157 5.17 -30.50 -9.98
N THR A 158 3.97 -30.51 -9.41
CA THR A 158 3.39 -29.31 -8.79
C THR A 158 4.20 -28.88 -7.58
N GLN A 159 4.56 -27.61 -7.54
CA GLN A 159 5.32 -27.07 -6.43
C GLN A 159 4.41 -26.71 -5.27
N THR A 160 4.86 -27.05 -4.07
CA THR A 160 4.06 -26.85 -2.88
C THR A 160 4.72 -25.90 -1.87
N THR A 161 5.92 -25.44 -2.20
CA THR A 161 6.64 -24.51 -1.35
C THR A 161 7.46 -23.55 -2.20
N GLY A 162 7.88 -22.45 -1.59
CA GLY A 162 8.78 -21.53 -2.26
C GLY A 162 8.09 -20.52 -3.16
N ILE A 163 6.77 -20.41 -3.05
CA ILE A 163 6.02 -19.54 -3.97
C ILE A 163 5.54 -18.28 -3.26
N GLU A 164 5.76 -17.13 -3.89
CA GLU A 164 5.26 -15.86 -3.36
C GLU A 164 4.52 -15.12 -4.44
N ASN A 165 3.36 -14.57 -4.08
CA ASN A 165 2.53 -13.82 -5.05
C ASN A 165 2.31 -12.38 -4.61
N SER A 166 2.29 -11.47 -5.57
CA SER A 166 2.04 -10.08 -5.26
C SER A 166 1.16 -9.45 -6.32
N LYS A 167 0.04 -8.88 -5.90
CA LYS A 167 -0.97 -8.33 -6.82
C LYS A 167 -1.00 -6.81 -6.75
N THR A 168 -1.05 -6.16 -7.91
CA THR A 168 -1.14 -4.70 -7.97
C THR A 168 -2.56 -4.25 -7.60
N PRO A 169 -2.73 -2.96 -7.27
CA PRO A 169 -4.10 -2.46 -7.14
C PRO A 169 -4.87 -2.54 -8.46
N GLN A 170 -6.19 -2.48 -8.40
CA GLN A 170 -6.99 -2.41 -9.61
C GLN A 170 -6.65 -1.18 -10.43
N ASN A 171 -6.51 -1.38 -11.74
CA ASN A 171 -6.24 -0.26 -12.64
C ASN A 171 -7.37 0.76 -12.59
N SER A 172 -7.01 2.04 -12.56
CA SER A 172 -8.00 3.11 -12.39
C SER A 172 -8.87 3.33 -13.63
N ALA A 173 -8.42 2.83 -14.77
CA ALA A 173 -9.20 2.94 -16.00
C ALA A 173 -10.05 1.70 -16.30
N ASP A 174 -9.50 0.49 -16.14
CA ASP A 174 -10.24 -0.69 -16.60
C ASP A 174 -10.46 -1.79 -15.56
N CYS A 175 -10.07 -1.53 -14.31
CA CYS A 175 -10.34 -2.39 -13.15
C CYS A 175 -9.46 -3.63 -13.09
N THR A 176 -8.54 -3.79 -14.05
CA THR A 176 -7.75 -5.02 -14.11
C THR A 176 -6.61 -5.05 -13.09
N TYR A 177 -6.18 -6.28 -12.82
CA TYR A 177 -5.02 -6.53 -11.98
C TYR A 177 -3.78 -6.89 -12.79
N ASN A 178 -2.63 -6.83 -12.14
CA ASN A 178 -1.41 -7.50 -12.57
C ASN A 178 -0.85 -8.29 -11.39
N LEU A 179 -0.13 -9.37 -11.66
CA LEU A 179 0.33 -10.22 -10.58
C LEU A 179 1.75 -10.68 -10.88
N SER A 180 2.61 -10.68 -9.86
CA SER A 180 3.90 -11.33 -10.01
C SER A 180 3.89 -12.54 -9.11
N SER A 181 4.29 -13.69 -9.64
CA SER A 181 4.41 -14.91 -8.86
C SER A 181 5.87 -15.35 -8.94
N THR A 182 6.51 -15.68 -7.82
CA THR A 182 7.90 -16.11 -7.89
C THR A 182 8.04 -17.46 -7.23
N LEU A 183 8.95 -18.25 -7.76
CA LEU A 183 9.26 -19.59 -7.24
C LEU A 183 10.72 -19.55 -6.89
N THR A 184 11.03 -19.78 -5.62
CA THR A 184 12.42 -19.75 -5.19
C THR A 184 12.92 -21.18 -4.97
N LEU A 185 14.09 -21.47 -5.53
CA LEU A 185 14.72 -22.80 -5.46
C LEU A 185 16.21 -22.67 -5.15
N THR A 186 16.85 -23.73 -4.68
CA THR A 186 18.30 -23.68 -4.61
C THR A 186 18.87 -23.82 -6.02
N SER A 187 20.09 -23.36 -6.21
CA SER A 187 20.73 -23.50 -7.51
C SER A 187 20.89 -24.96 -7.90
N THR A 188 21.12 -25.82 -6.91
CA THR A 188 21.19 -27.26 -7.14
C THR A 188 19.87 -27.81 -7.68
N GLN A 189 18.77 -27.42 -7.06
CA GLN A 189 17.44 -27.82 -7.54
C GLN A 189 17.22 -27.35 -8.98
N TYR A 190 17.54 -26.08 -9.22
CA TYR A 190 17.32 -25.49 -10.53
C TYR A 190 18.07 -26.24 -11.62
N ASN A 191 19.34 -26.54 -11.34
CA ASN A 191 20.21 -27.20 -12.30
C ASN A 191 19.91 -28.69 -12.45
N SER A 192 19.01 -29.21 -11.63
CA SER A 192 18.66 -30.63 -11.69
C SER A 192 17.36 -30.87 -12.45
N HIS A 193 16.76 -29.81 -12.98
CA HIS A 193 15.50 -29.97 -13.68
C HIS A 193 15.46 -29.15 -14.96
N LYS A 194 14.50 -29.48 -15.82
CA LYS A 194 14.50 -29.00 -17.18
C LYS A 194 13.35 -28.03 -17.47
N GLU A 195 12.13 -28.47 -17.26
CA GLU A 195 10.96 -27.67 -17.66
C GLU A 195 10.36 -26.90 -16.49
N TYR A 196 10.23 -25.59 -16.66
CA TYR A 196 9.64 -24.74 -15.65
C TYR A 196 8.38 -24.10 -16.22
N THR A 197 7.29 -24.24 -15.48
CA THR A 197 5.95 -23.88 -15.94
C THR A 197 5.16 -23.07 -14.92
N CYS A 198 4.63 -21.93 -15.36
CA CYS A 198 3.74 -21.11 -14.59
C CYS A 198 2.35 -21.23 -15.19
N LYS A 199 1.38 -21.66 -14.39
CA LYS A 199 0.01 -21.78 -14.87
C LYS A 199 -0.93 -20.85 -14.12
N VAL A 200 -1.61 -19.99 -14.89
CA VAL A 200 -2.43 -18.94 -14.31
C VAL A 200 -3.88 -19.22 -14.64
N THR A 201 -4.68 -19.49 -13.62
CA THR A 201 -6.04 -19.99 -13.83
C THR A 201 -7.12 -19.03 -13.36
N GLN A 202 -8.13 -18.82 -14.21
CA GLN A 202 -9.36 -18.11 -13.83
C GLN A 202 -10.56 -18.99 -14.07
N GLY A 203 -11.01 -19.73 -13.08
CA GLY A 203 -12.14 -20.63 -13.26
C GLY A 203 -11.80 -21.67 -14.32
N THR A 204 -12.55 -21.70 -15.40
CA THR A 204 -12.35 -22.73 -16.42
C THR A 204 -11.35 -22.31 -17.49
N THR A 205 -10.72 -21.16 -17.30
CA THR A 205 -9.68 -20.64 -18.19
C THR A 205 -8.29 -20.77 -17.59
N SER A 206 -7.31 -21.23 -18.35
CA SER A 206 -5.91 -21.19 -17.89
C SER A 206 -4.99 -20.66 -18.97
N VAL A 207 -3.99 -19.91 -18.54
CA VAL A 207 -2.95 -19.42 -19.44
C VAL A 207 -1.63 -19.92 -18.88
N VAL A 208 -0.85 -20.60 -19.71
CA VAL A 208 0.32 -21.34 -19.26
C VAL A 208 1.55 -20.84 -20.00
N GLN A 209 2.61 -20.54 -19.25
CA GLN A 209 3.85 -20.15 -19.87
C GLN A 209 5.00 -21.00 -19.31
N SER A 210 5.87 -21.48 -20.18
CA SER A 210 7.00 -22.32 -19.76
C SER A 210 8.33 -21.93 -20.39
N PHE A 211 9.40 -22.43 -19.80
CA PHE A 211 10.67 -22.45 -20.50
C PHE A 211 11.40 -23.73 -20.14
N ASN A 212 12.38 -24.05 -20.96
CA ASN A 212 13.21 -25.21 -20.74
C ASN A 212 14.62 -24.73 -20.43
N ARG A 213 15.14 -25.07 -19.25
CA ARG A 213 16.40 -24.51 -18.76
C ARG A 213 17.55 -24.67 -19.75
N GLY A 214 17.59 -25.80 -20.44
CA GLY A 214 18.62 -26.01 -21.44
C GLY A 214 18.61 -25.01 -22.57
N ASP A 215 17.47 -24.39 -22.81
CA ASP A 215 17.32 -23.47 -23.92
C ASP A 215 17.64 -22.02 -23.55
N CYS A 216 18.09 -21.80 -22.33
CA CYS A 216 18.37 -20.44 -21.86
C CYS A 216 19.81 -20.27 -21.42
N GLN B 1 -2.58 24.44 2.02
CA GLN B 1 -2.22 23.85 3.30
C GLN B 1 -1.87 22.37 3.15
N SER B 2 -0.75 21.97 3.75
CA SER B 2 -0.26 20.61 3.63
C SER B 2 0.52 20.17 4.86
N LEU B 3 0.63 18.87 5.01
CA LEU B 3 1.34 18.29 6.14
C LEU B 3 2.42 17.35 5.59
N GLU B 4 3.52 17.24 6.32
CA GLU B 4 4.58 16.31 5.96
C GLU B 4 5.22 15.72 7.20
N GLU B 5 5.25 14.38 7.26
CA GLU B 5 5.84 13.66 8.39
C GLU B 5 7.30 13.35 8.13
N SER B 6 8.07 13.26 9.20
CA SER B 6 9.48 12.93 9.12
C SER B 6 9.96 12.26 10.40
N GLY B 7 11.13 11.63 10.35
CA GLY B 7 11.69 11.02 11.54
C GLY B 7 11.41 9.54 11.63
N GLY B 8 10.78 9.01 10.58
CA GLY B 8 10.48 7.59 10.52
C GLY B 8 11.69 6.80 10.01
N GLY B 9 11.72 5.52 10.31
CA GLY B 9 12.80 4.67 9.83
C GLY B 9 12.88 3.37 10.60
N PRO B 10 13.99 2.65 10.44
CA PRO B 10 14.17 1.43 11.23
C PRO B 10 14.54 1.77 12.67
N VAL B 11 14.09 0.93 13.60
CA VAL B 11 14.50 1.01 14.99
C VAL B 11 14.52 -0.37 15.60
N LYS B 12 15.43 -0.58 16.54
CA LYS B 12 15.45 -1.84 17.29
C LYS B 12 14.35 -1.81 18.33
N PRO B 13 13.78 -2.97 18.64
CA PRO B 13 12.73 -3.07 19.66
C PRO B 13 13.23 -2.50 20.99
N GLY B 14 12.36 -1.83 21.72
CA GLY B 14 12.74 -1.16 22.95
C GLY B 14 13.23 0.24 22.67
N GLY B 15 13.52 0.53 21.40
CA GLY B 15 14.02 1.83 21.01
C GLY B 15 13.00 2.94 21.08
N THR B 16 13.44 4.14 20.73
CA THR B 16 12.61 5.34 20.80
C THR B 16 12.71 6.15 19.52
N LEU B 17 11.54 6.57 19.01
CA LEU B 17 11.48 7.47 17.87
C LEU B 17 10.68 8.72 18.20
N THR B 18 11.08 9.84 17.62
CA THR B 18 10.26 11.04 17.66
C THR B 18 9.94 11.49 16.25
N LEU B 19 8.67 11.44 15.89
CA LEU B 19 8.21 11.94 14.61
C LEU B 19 7.83 13.40 14.73
N THR B 20 8.03 14.16 13.66
CA THR B 20 7.54 15.53 13.61
C THR B 20 6.65 15.73 12.40
N CYS B 21 5.66 16.61 12.55
CA CYS B 21 4.78 16.95 11.46
C CYS B 21 4.92 18.44 11.14
N LYS B 22 5.32 18.74 9.91
CA LYS B 22 5.46 20.11 9.47
C LYS B 22 4.20 20.60 8.75
N ALA B 23 3.60 21.66 9.27
CA ALA B 23 2.46 22.28 8.62
C ALA B 23 2.89 23.46 7.76
N SER B 24 2.42 23.50 6.52
CA SER B 24 2.78 24.57 5.58
C SER B 24 1.55 25.21 4.96
N GLY B 25 1.61 26.52 4.72
CA GLY B 25 0.52 27.24 4.12
C GLY B 25 -0.74 27.27 4.96
N ILE B 26 -0.56 27.44 6.27
CA ILE B 26 -1.67 27.37 7.20
C ILE B 26 -2.21 28.74 7.59
N ASP B 27 -3.40 28.74 8.20
CA ASP B 27 -4.03 29.96 8.69
C ASP B 27 -3.78 30.06 10.19
N PHE B 28 -3.05 31.09 10.60
CA PHE B 28 -2.69 31.26 12.00
C PHE B 28 -3.82 31.87 12.81
N SER B 29 -4.83 32.40 12.14
CA SER B 29 -5.95 33.05 12.81
C SER B 29 -7.03 32.05 13.21
N SER B 30 -6.78 30.77 12.92
CA SER B 30 -7.74 29.72 13.24
C SER B 30 -7.09 28.60 14.04
N PHE B 31 -7.91 27.80 14.72
CA PHE B 31 -7.41 26.73 15.57
C PHE B 31 -7.86 25.37 15.05
N TYR B 32 -7.07 24.34 15.31
CA TYR B 32 -7.27 23.03 14.71
C TYR B 32 -6.94 21.88 15.67
N TYR B 33 -7.34 20.68 15.29
CA TYR B 33 -6.80 19.48 15.91
C TYR B 33 -5.73 18.91 15.00
N MET B 34 -4.54 18.71 15.54
CA MET B 34 -3.45 18.02 14.84
C MET B 34 -3.36 16.61 15.39
N CYS B 35 -3.48 15.61 14.53
CA CYS B 35 -3.58 14.23 14.98
C CYS B 35 -2.52 13.32 14.36
N TRP B 36 -2.17 12.27 15.09
CA TRP B 36 -1.38 11.18 14.52
C TRP B 36 -2.22 9.91 14.38
N VAL B 37 -2.15 9.31 13.20
CA VAL B 37 -2.89 8.09 12.88
C VAL B 37 -1.94 7.10 12.24
N ARG B 38 -1.93 5.85 12.68
CA ARG B 38 -1.02 4.87 12.09
C ARG B 38 -1.75 3.75 11.39
N GLN B 39 -1.01 2.97 10.61
CA GLN B 39 -1.60 1.90 9.83
C GLN B 39 -0.58 0.80 9.63
N ALA B 40 -0.80 -0.33 10.31
CA ALA B 40 0.08 -1.49 10.21
C ALA B 40 -0.05 -2.13 8.82
N PRO B 41 1.00 -2.81 8.35
CA PRO B 41 0.96 -3.42 7.02
C PRO B 41 -0.29 -4.27 6.78
N GLY B 42 -1.04 -3.90 5.75
CA GLY B 42 -2.28 -4.59 5.43
C GLY B 42 -3.42 -4.42 6.41
N LYS B 43 -3.28 -3.50 7.38
CA LYS B 43 -4.30 -3.32 8.41
C LYS B 43 -5.02 -1.98 8.29
N GLY B 44 -5.95 -1.73 9.21
CA GLY B 44 -6.77 -0.52 9.17
C GLY B 44 -6.11 0.69 9.81
N LEU B 45 -6.74 1.85 9.68
CA LEU B 45 -6.26 3.07 10.31
C LEU B 45 -6.47 3.02 11.82
N GLU B 46 -5.47 3.50 12.57
CA GLU B 46 -5.54 3.45 14.02
C GLU B 46 -5.14 4.80 14.59
N TRP B 47 -6.10 5.46 15.23
CA TRP B 47 -5.87 6.76 15.81
C TRP B 47 -4.98 6.67 17.06
N ILE B 48 -4.01 7.57 17.16
CA ILE B 48 -3.08 7.57 18.28
C ILE B 48 -3.34 8.71 19.28
N ALA B 49 -3.40 9.93 18.77
CA ALA B 49 -3.53 11.12 19.61
C ALA B 49 -3.78 12.37 18.79
N CYS B 50 -4.44 13.36 19.39
CA CYS B 50 -4.61 14.67 18.78
C CYS B 50 -4.17 15.75 19.76
N ILE B 51 -3.91 16.94 19.25
CA ILE B 51 -3.70 18.10 20.12
C ILE B 51 -4.35 19.32 19.47
N VAL B 52 -4.94 20.18 20.29
CA VAL B 52 -5.54 21.39 19.77
C VAL B 52 -4.42 22.42 19.62
N THR B 53 -4.52 23.28 18.61
CA THR B 53 -3.42 24.19 18.33
C THR B 53 -3.61 25.57 18.97
N ASP B 54 -4.55 25.70 19.91
CA ASP B 54 -4.70 26.98 20.61
C ASP B 54 -3.71 27.05 21.77
N ILE B 55 -3.81 28.13 22.54
CA ILE B 55 -2.83 28.38 23.59
C ILE B 55 -2.87 27.30 24.67
N THR B 56 -4.00 26.61 24.80
CA THR B 56 -4.14 25.57 25.82
C THR B 56 -3.22 24.39 25.58
N GLY B 57 -2.99 24.04 24.31
CA GLY B 57 -2.15 22.91 23.96
C GLY B 57 -2.70 21.60 24.49
N GLU B 58 -4.02 21.54 24.65
CA GLU B 58 -4.68 20.37 25.22
C GLU B 58 -4.65 19.17 24.27
N SER B 59 -4.35 17.99 24.80
CA SER B 59 -4.19 16.80 23.98
C SER B 59 -5.15 15.68 24.37
N TYR B 60 -5.33 14.74 23.46
CA TYR B 60 -6.29 13.64 23.59
C TYR B 60 -5.63 12.37 23.08
N TYR B 61 -5.59 11.34 23.92
CA TYR B 61 -4.84 10.12 23.60
C TYR B 61 -5.73 8.90 23.49
N ALA B 62 -5.39 8.01 22.57
CA ALA B 62 -5.97 6.68 22.57
C ALA B 62 -5.52 6.00 23.86
N THR B 63 -6.40 5.20 24.46
CA THR B 63 -6.09 4.56 25.73
C THR B 63 -4.78 3.78 25.69
N TRP B 64 -4.63 2.94 24.66
CA TRP B 64 -3.44 2.11 24.51
C TRP B 64 -2.17 2.94 24.35
N ALA B 65 -2.31 4.20 23.98
CA ALA B 65 -1.15 5.04 23.67
C ALA B 65 -0.68 5.86 24.87
N LYS B 66 -1.48 5.88 25.93
CA LYS B 66 -1.10 6.64 27.11
C LYS B 66 0.12 6.00 27.77
N GLY B 67 1.16 6.80 27.98
CA GLY B 67 2.38 6.30 28.58
C GLY B 67 3.52 6.22 27.58
N ARG B 68 3.32 5.47 26.50
CA ARG B 68 4.37 5.27 25.51
C ARG B 68 4.44 6.41 24.49
N PHE B 69 3.31 7.07 24.28
CA PHE B 69 3.23 8.11 23.25
C PHE B 69 2.99 9.49 23.84
N ALA B 70 3.68 10.47 23.28
CA ALA B 70 3.53 11.85 23.73
C ALA B 70 3.46 12.79 22.54
N ILE B 71 2.34 13.50 22.44
CA ILE B 71 2.18 14.48 21.39
C ILE B 71 2.42 15.85 22.01
N SER B 72 2.97 16.77 21.23
CA SER B 72 3.20 18.12 21.72
C SER B 72 3.37 19.08 20.57
N LYS B 73 2.86 20.29 20.75
CA LYS B 73 3.02 21.35 19.77
C LYS B 73 4.32 22.07 20.05
N THR B 74 5.34 21.86 19.22
CA THR B 74 6.66 22.40 19.51
C THR B 74 6.94 23.69 18.74
N SER B 75 5.98 24.13 17.93
CA SER B 75 6.07 25.43 17.26
C SER B 75 4.73 25.82 16.68
N SER B 76 4.71 26.93 15.96
CA SER B 76 3.48 27.37 15.32
C SER B 76 3.16 26.52 14.08
N THR B 77 4.16 25.76 13.62
CA THR B 77 4.02 24.95 12.41
C THR B 77 4.44 23.51 12.61
N THR B 78 4.74 23.13 13.84
CA THR B 78 5.27 21.79 14.08
C THR B 78 4.64 21.08 15.28
N VAL B 79 4.27 19.82 15.06
CA VAL B 79 3.78 18.94 16.11
C VAL B 79 4.60 17.67 16.11
N THR B 80 4.96 17.17 17.28
CA THR B 80 5.77 15.96 17.36
C THR B 80 5.08 14.81 18.08
N LEU B 81 5.43 13.59 17.69
CA LEU B 81 4.93 12.40 18.36
C LEU B 81 6.09 11.57 18.88
N GLN B 82 6.19 11.47 20.21
CA GLN B 82 7.24 10.70 20.85
C GLN B 82 6.80 9.27 21.11
N MET B 83 7.60 8.31 20.66
CA MET B 83 7.25 6.90 20.78
C MET B 83 8.36 6.14 21.50
N THR B 84 8.01 5.44 22.58
CA THR B 84 8.99 4.73 23.40
C THR B 84 8.61 3.26 23.59
N SER B 85 9.57 2.46 24.04
CA SER B 85 9.38 1.02 24.24
C SER B 85 8.75 0.36 23.02
N LEU B 86 9.29 0.67 21.85
CA LEU B 86 8.74 0.19 20.59
C LEU B 86 8.80 -1.34 20.46
N THR B 87 7.72 -1.91 19.92
CA THR B 87 7.65 -3.33 19.59
C THR B 87 7.36 -3.42 18.09
N ALA B 88 7.67 -4.55 17.48
CA ALA B 88 7.33 -4.75 16.07
C ALA B 88 5.83 -4.53 15.81
N ALA B 89 5.02 -4.66 16.86
CA ALA B 89 3.62 -4.29 16.81
C ALA B 89 3.42 -2.82 16.47
N ASP B 90 4.47 -2.01 16.62
CA ASP B 90 4.40 -0.59 16.31
C ASP B 90 4.86 -0.30 14.88
N THR B 91 5.28 -1.35 14.17
CA THR B 91 5.62 -1.21 12.76
C THR B 91 4.39 -0.81 11.98
N ALA B 92 4.49 0.33 11.31
CA ALA B 92 3.35 0.93 10.63
C ALA B 92 3.77 2.16 9.85
N THR B 93 2.89 2.58 8.95
CA THR B 93 2.96 3.93 8.41
C THR B 93 2.26 4.88 9.35
N TYR B 94 2.93 5.97 9.68
CA TYR B 94 2.42 6.97 10.62
C TYR B 94 2.01 8.25 9.90
N PHE B 95 0.72 8.54 9.93
CA PHE B 95 0.17 9.75 9.30
C PHE B 95 -0.04 10.88 10.28
N CYS B 96 0.31 12.09 9.85
CA CYS B 96 -0.14 13.33 10.49
C CYS B 96 -1.42 13.77 9.81
N ALA B 97 -2.43 14.17 10.58
CA ALA B 97 -3.67 14.64 9.99
C ALA B 97 -4.20 15.84 10.76
N ARG B 98 -4.92 16.71 10.07
CA ARG B 98 -5.52 17.87 10.70
C ARG B 98 -7.02 17.95 10.43
N GLY B 99 -7.76 18.46 11.39
CA GLY B 99 -9.17 18.76 11.22
C GLY B 99 -9.53 20.02 11.99
N ASP B 100 -10.72 20.56 11.71
CA ASP B 100 -11.19 21.77 12.38
C ASP B 100 -11.65 21.50 13.80
N THR B 101 -11.71 22.55 14.62
CA THR B 101 -12.36 22.45 15.92
C THR B 101 -13.84 22.75 15.72
N TYR B 102 -14.63 22.63 16.78
CA TYR B 102 -16.09 22.66 16.60
C TYR B 102 -16.62 24.02 16.12
N GLY B 103 -16.04 25.11 16.60
CA GLY B 103 -16.56 26.42 16.23
C GLY B 103 -17.99 26.61 16.70
N TYR B 104 -18.88 26.92 15.75
CA TYR B 104 -20.31 27.03 16.03
C TYR B 104 -21.08 25.97 15.26
N GLY B 105 -20.41 24.85 15.01
CA GLY B 105 -21.00 23.75 14.26
C GLY B 105 -20.82 23.99 12.77
N ASP B 106 -20.02 24.99 12.46
CA ASP B 106 -19.91 25.48 11.09
C ASP B 106 -18.60 25.08 10.42
N THR B 107 -17.97 24.03 10.93
CA THR B 107 -16.63 23.72 10.46
C THR B 107 -16.55 22.33 9.84
N VAL B 108 -15.40 22.04 9.25
CA VAL B 108 -15.18 20.71 8.69
C VAL B 108 -14.67 19.85 9.84
N TYR B 109 -15.62 19.24 10.55
CA TYR B 109 -15.36 18.57 11.81
C TYR B 109 -15.00 17.12 11.52
N ALA B 110 -13.82 16.95 10.94
CA ALA B 110 -13.28 15.66 10.53
C ALA B 110 -11.86 15.92 10.06
N LEU B 111 -11.12 14.87 9.76
CA LEU B 111 -9.72 15.05 9.34
C LEU B 111 -9.66 15.31 7.84
N ASN B 112 -9.66 16.58 7.45
CA ASN B 112 -9.71 16.92 6.04
C ASN B 112 -8.33 17.02 5.39
N LEU B 113 -7.29 17.13 6.22
CA LEU B 113 -5.93 17.28 5.70
C LEU B 113 -5.03 16.13 6.17
N TRP B 114 -4.28 15.53 5.24
CA TRP B 114 -3.43 14.39 5.55
C TRP B 114 -2.05 14.49 4.93
N GLY B 115 -1.03 14.09 5.69
CA GLY B 115 0.30 13.94 5.11
C GLY B 115 0.42 12.62 4.37
N PRO B 116 1.54 12.42 3.64
CA PRO B 116 1.79 11.19 2.89
C PRO B 116 2.12 10.01 3.80
N GLY B 117 2.55 10.28 5.03
CA GLY B 117 2.88 9.22 5.97
C GLY B 117 4.36 8.93 6.01
N THR B 118 4.85 8.48 7.16
CA THR B 118 6.25 8.07 7.28
C THR B 118 6.31 6.66 7.81
N LEU B 119 7.22 5.87 7.27
CA LEU B 119 7.29 4.47 7.61
C LEU B 119 8.19 4.21 8.80
N VAL B 120 7.66 3.47 9.77
CA VAL B 120 8.43 3.03 10.92
C VAL B 120 8.47 1.51 10.96
N THR B 121 9.68 0.96 10.98
CA THR B 121 9.84 -0.48 11.01
C THR B 121 10.61 -0.87 12.26
N VAL B 122 9.95 -1.58 13.16
CA VAL B 122 10.59 -2.03 14.39
C VAL B 122 11.08 -3.46 14.16
N SER B 123 12.41 -3.62 14.16
CA SER B 123 13.03 -4.90 13.85
C SER B 123 14.38 -5.02 14.51
N SER B 124 14.76 -6.23 14.89
CA SER B 124 16.08 -6.48 15.44
C SER B 124 17.14 -6.53 14.33
N GLY B 125 16.70 -6.72 13.10
CA GLY B 125 17.60 -6.85 11.97
C GLY B 125 18.30 -5.57 11.58
N GLN B 126 19.58 -5.69 11.22
CA GLN B 126 20.35 -4.56 10.73
C GLN B 126 19.85 -4.21 9.33
N PRO B 127 19.85 -2.91 8.98
CA PRO B 127 19.48 -2.52 7.61
C PRO B 127 20.30 -3.30 6.60
N LYS B 128 19.68 -3.73 5.52
CA LYS B 128 20.33 -4.57 4.53
C LYS B 128 19.94 -4.12 3.12
N ALA B 129 20.95 -3.91 2.27
CA ALA B 129 20.69 -3.44 0.92
C ALA B 129 20.24 -4.59 0.00
N PRO B 130 19.43 -4.26 -1.01
CA PRO B 130 18.94 -5.34 -1.88
C PRO B 130 19.96 -5.81 -2.90
N SER B 131 19.89 -7.08 -3.27
CA SER B 131 20.57 -7.58 -4.46
C SER B 131 19.61 -7.40 -5.64
N VAL B 132 20.14 -7.04 -6.80
CA VAL B 132 19.29 -6.75 -7.96
C VAL B 132 19.68 -7.65 -9.13
N PHE B 133 18.69 -8.31 -9.70
CA PHE B 133 18.92 -9.27 -10.77
C PHE B 133 18.07 -8.95 -11.98
N PRO B 134 18.66 -9.03 -13.16
CA PRO B 134 17.95 -8.74 -14.41
C PRO B 134 16.97 -9.85 -14.76
N LEU B 135 15.81 -9.45 -15.28
CA LEU B 135 14.79 -10.37 -15.77
C LEU B 135 14.61 -10.20 -17.27
N ALA B 136 14.95 -11.23 -18.04
CA ALA B 136 14.76 -11.18 -19.49
C ALA B 136 14.16 -12.50 -19.98
N PRO B 137 13.34 -12.45 -21.03
CA PRO B 137 12.74 -13.66 -21.60
C PRO B 137 13.77 -14.67 -22.07
N CYS B 138 13.41 -15.95 -22.05
CA CYS B 138 14.31 -17.04 -22.36
C CYS B 138 14.92 -16.89 -23.75
N CYS B 139 16.18 -17.32 -23.86
CA CYS B 139 16.96 -17.16 -25.09
C CYS B 139 16.28 -17.77 -26.31
N GLY B 140 15.55 -18.86 -26.10
CA GLY B 140 14.89 -19.57 -27.18
C GLY B 140 13.69 -18.89 -27.79
N ASP B 141 13.31 -17.74 -27.23
CA ASP B 141 12.07 -17.06 -27.61
C ASP B 141 12.19 -16.29 -28.93
N THR B 142 11.17 -16.40 -29.77
CA THR B 142 11.02 -15.61 -30.99
C THR B 142 10.96 -14.10 -30.70
N PRO B 143 11.83 -13.32 -31.37
CA PRO B 143 11.84 -11.86 -31.16
C PRO B 143 10.59 -11.18 -31.71
N SER B 144 10.19 -10.09 -31.05
CA SER B 144 8.99 -9.35 -31.39
C SER B 144 9.36 -7.87 -31.52
N SER B 145 8.44 -7.02 -31.98
CA SER B 145 8.75 -5.60 -32.04
C SER B 145 8.83 -5.00 -30.64
N THR B 146 8.23 -5.69 -29.67
CA THR B 146 8.29 -5.26 -28.29
C THR B 146 8.76 -6.38 -27.37
N VAL B 147 9.21 -6.00 -26.19
CA VAL B 147 9.66 -6.96 -25.20
C VAL B 147 9.40 -6.39 -23.80
N THR B 148 9.16 -7.29 -22.86
CA THR B 148 9.02 -6.90 -21.46
C THR B 148 10.23 -7.41 -20.70
N LEU B 149 10.94 -6.48 -20.05
CA LEU B 149 12.13 -6.77 -19.27
C LEU B 149 11.88 -6.39 -17.81
N GLY B 150 12.72 -6.89 -16.90
CA GLY B 150 12.48 -6.54 -15.51
C GLY B 150 13.68 -6.58 -14.62
N CYS B 151 13.46 -6.24 -13.36
CA CYS B 151 14.46 -6.40 -12.34
C CYS B 151 13.83 -7.01 -11.11
N LEU B 152 14.55 -7.95 -10.51
CA LEU B 152 14.20 -8.53 -9.24
C LEU B 152 15.05 -7.90 -8.16
N VAL B 153 14.39 -7.34 -7.15
CA VAL B 153 15.03 -6.62 -6.06
C VAL B 153 14.83 -7.45 -4.79
N LYS B 154 15.89 -8.12 -4.35
CA LYS B 154 15.74 -9.22 -3.40
C LYS B 154 16.48 -8.99 -2.08
N GLY B 155 15.81 -9.32 -0.99
CA GLY B 155 16.43 -9.44 0.32
C GLY B 155 16.87 -8.17 1.04
N TYR B 156 16.02 -7.15 1.06
CA TYR B 156 16.38 -5.89 1.70
C TYR B 156 15.56 -5.65 2.98
N LEU B 157 16.06 -4.71 3.79
CA LEU B 157 15.40 -4.30 5.04
C LEU B 157 15.87 -2.90 5.44
N PRO B 158 14.94 -2.01 5.80
CA PRO B 158 13.49 -2.10 5.67
C PRO B 158 13.02 -1.51 4.36
N GLU B 159 11.70 -1.45 4.22
CA GLU B 159 11.07 -0.64 3.20
C GLU B 159 11.46 0.83 3.45
N PRO B 160 11.45 1.68 2.40
CA PRO B 160 11.13 1.37 1.01
C PRO B 160 12.37 1.20 0.14
N VAL B 161 12.17 0.69 -1.06
CA VAL B 161 13.13 0.87 -2.16
C VAL B 161 12.42 1.68 -3.21
N THR B 162 13.20 2.29 -4.10
CA THR B 162 12.62 2.96 -5.26
C THR B 162 13.23 2.34 -6.50
N VAL B 163 12.39 2.13 -7.51
CA VAL B 163 12.86 1.57 -8.78
C VAL B 163 12.44 2.50 -9.88
N THR B 164 13.40 2.92 -10.68
CA THR B 164 13.14 3.66 -11.91
C THR B 164 13.77 2.92 -13.08
N TRP B 165 13.40 3.33 -14.29
CA TRP B 165 13.87 2.68 -15.49
C TRP B 165 14.49 3.71 -16.43
N ASN B 166 15.76 3.49 -16.80
CA ASN B 166 16.51 4.47 -17.61
C ASN B 166 16.43 5.87 -17.00
N SER B 167 16.60 5.91 -15.68
CA SER B 167 16.68 7.16 -14.92
C SER B 167 15.42 8.03 -15.05
N GLY B 168 14.31 7.39 -15.39
CA GLY B 168 13.04 8.09 -15.49
C GLY B 168 12.60 8.40 -16.92
N THR B 169 13.40 8.01 -17.90
CA THR B 169 13.02 8.16 -19.31
C THR B 169 11.85 7.22 -19.64
N LEU B 170 11.86 6.04 -19.03
CA LEU B 170 10.80 5.06 -19.23
C LEU B 170 9.82 5.09 -18.05
N THR B 171 8.60 5.58 -18.28
CA THR B 171 7.61 5.62 -17.21
C THR B 171 6.31 4.93 -17.62
N ASN B 172 5.91 5.12 -18.86
CA ASN B 172 4.76 4.39 -19.38
C ASN B 172 5.07 2.90 -19.51
N GLY B 173 4.13 2.06 -19.10
CA GLY B 173 4.33 0.63 -19.25
C GLY B 173 5.27 0.03 -18.21
N VAL B 174 5.44 0.72 -17.09
CA VAL B 174 6.13 0.17 -15.91
C VAL B 174 5.12 -0.42 -14.93
N ARG B 175 5.36 -1.65 -14.48
CA ARG B 175 4.63 -2.21 -13.36
C ARG B 175 5.61 -2.61 -12.27
N THR B 176 5.51 -1.95 -11.13
CA THR B 176 6.34 -2.31 -9.98
C THR B 176 5.42 -2.88 -8.94
N PHE B 177 5.61 -4.17 -8.64
CA PHE B 177 4.71 -4.89 -7.76
C PHE B 177 5.00 -4.59 -6.29
N PRO B 178 3.95 -4.68 -5.46
CA PRO B 178 4.12 -4.53 -4.02
C PRO B 178 5.15 -5.53 -3.52
N SER B 179 5.96 -5.14 -2.54
CA SER B 179 6.93 -6.07 -1.98
C SER B 179 6.23 -7.23 -1.28
N VAL B 180 6.96 -8.33 -1.15
CA VAL B 180 6.54 -9.46 -0.34
C VAL B 180 7.59 -9.66 0.73
N ARG B 181 7.15 -9.80 1.98
CA ARG B 181 8.09 -9.98 3.07
C ARG B 181 8.22 -11.47 3.38
N GLN B 182 9.46 -11.95 3.44
CA GLN B 182 9.79 -13.34 3.72
C GLN B 182 9.80 -13.56 5.24
N SER B 183 9.76 -14.82 5.68
CA SER B 183 9.68 -15.10 7.12
C SER B 183 10.94 -14.62 7.84
N SER B 184 12.03 -14.47 7.09
CA SER B 184 13.27 -13.88 7.58
C SER B 184 13.11 -12.43 8.00
N GLY B 185 12.04 -11.78 7.53
CA GLY B 185 11.84 -10.36 7.76
C GLY B 185 12.33 -9.48 6.62
N LEU B 186 13.07 -10.08 5.71
CA LEU B 186 13.55 -9.37 4.54
C LEU B 186 12.44 -9.20 3.52
N TYR B 187 12.60 -8.23 2.63
CA TYR B 187 11.63 -7.95 1.57
C TYR B 187 12.21 -8.24 0.21
N SER B 188 11.32 -8.54 -0.74
CA SER B 188 11.72 -8.60 -2.16
C SER B 188 10.61 -7.99 -3.00
N LEU B 189 10.98 -7.44 -4.15
CA LEU B 189 9.94 -7.07 -5.10
C LEU B 189 10.45 -7.20 -6.53
N SER B 190 9.53 -7.13 -7.48
CA SER B 190 9.90 -7.13 -8.89
C SER B 190 9.30 -5.93 -9.59
N SER B 191 9.96 -5.51 -10.66
CA SER B 191 9.49 -4.42 -11.50
C SER B 191 9.67 -4.82 -12.95
N VAL B 192 8.69 -4.56 -13.80
CA VAL B 192 8.86 -4.88 -15.21
C VAL B 192 8.50 -3.68 -16.05
N VAL B 193 9.03 -3.65 -17.26
CA VAL B 193 8.68 -2.56 -18.17
C VAL B 193 8.58 -3.10 -19.58
N SER B 194 7.59 -2.61 -20.32
CA SER B 194 7.42 -3.03 -21.70
C SER B 194 7.97 -1.95 -22.61
N VAL B 195 8.82 -2.34 -23.55
CA VAL B 195 9.49 -1.37 -24.42
C VAL B 195 9.45 -1.79 -25.88
N THR B 196 9.59 -0.81 -26.77
CA THR B 196 9.82 -1.09 -28.17
C THR B 196 11.26 -1.52 -28.31
N SER B 197 11.51 -2.71 -28.86
CA SER B 197 12.87 -3.24 -28.91
C SER B 197 13.76 -2.37 -29.81
N SER B 198 14.93 -1.99 -29.31
CA SER B 198 15.79 -1.04 -30.02
C SER B 198 17.24 -1.19 -29.57
N SER B 199 18.12 -0.38 -30.17
CA SER B 199 19.53 -0.37 -29.80
C SER B 199 19.79 0.24 -28.42
N GLN B 200 18.79 0.94 -27.89
CA GLN B 200 18.95 1.62 -26.61
C GLN B 200 18.84 0.64 -25.45
N PRO B 201 19.80 0.68 -24.52
CA PRO B 201 19.71 -0.24 -23.39
C PRO B 201 18.57 0.08 -22.44
N VAL B 202 18.14 -0.93 -21.70
CA VAL B 202 17.13 -0.76 -20.68
C VAL B 202 17.77 -1.12 -19.34
N THR B 203 17.74 -0.16 -18.43
CA THR B 203 18.42 -0.28 -17.16
C THR B 203 17.48 0.05 -16.01
N CYS B 204 17.43 -0.80 -15.00
CA CYS B 204 16.69 -0.41 -13.80
C CYS B 204 17.61 0.25 -12.80
N ASN B 205 17.12 1.30 -12.16
CA ASN B 205 17.87 2.01 -11.14
C ASN B 205 17.19 1.80 -9.81
N VAL B 206 17.89 1.15 -8.89
CA VAL B 206 17.31 0.74 -7.62
C VAL B 206 17.97 1.47 -6.46
N ALA B 207 17.18 2.21 -5.68
CA ALA B 207 17.72 2.93 -4.53
C ALA B 207 17.16 2.39 -3.23
N HIS B 208 18.00 2.29 -2.21
CA HIS B 208 17.56 1.90 -0.89
C HIS B 208 18.08 2.91 0.12
N PRO B 209 17.25 3.89 0.48
CA PRO B 209 17.65 5.00 1.37
C PRO B 209 18.25 4.53 2.70
N ALA B 210 17.64 3.52 3.32
CA ALA B 210 18.07 3.07 4.64
C ALA B 210 19.52 2.56 4.65
N THR B 211 20.04 2.15 3.51
CA THR B 211 21.44 1.76 3.41
C THR B 211 22.24 2.72 2.53
N ASN B 212 21.62 3.84 2.16
CA ASN B 212 22.24 4.81 1.25
C ASN B 212 22.86 4.16 0.02
N THR B 213 22.15 3.19 -0.57
CA THR B 213 22.69 2.50 -1.73
C THR B 213 21.88 2.78 -2.99
N LYS B 214 22.58 2.74 -4.11
CA LYS B 214 22.01 2.98 -5.42
C LYS B 214 22.73 2.07 -6.40
N VAL B 215 21.96 1.26 -7.11
CA VAL B 215 22.52 0.26 -7.99
C VAL B 215 21.80 0.34 -9.32
N ASP B 216 22.54 0.22 -10.41
CA ASP B 216 21.94 0.13 -11.74
C ASP B 216 22.15 -1.29 -12.26
N LYS B 217 21.15 -1.81 -12.95
CA LYS B 217 21.33 -3.08 -13.65
C LYS B 217 20.80 -2.95 -15.07
N THR B 218 21.70 -3.12 -16.03
CA THR B 218 21.28 -3.10 -17.43
C THR B 218 20.78 -4.46 -17.83
N VAL B 219 19.57 -4.51 -18.36
CA VAL B 219 18.93 -5.78 -18.65
C VAL B 219 19.14 -6.14 -20.11
N ALA B 220 20.03 -7.10 -20.37
CA ALA B 220 20.24 -7.62 -21.71
C ALA B 220 18.95 -8.28 -22.20
N PRO B 221 18.65 -8.15 -23.50
CA PRO B 221 17.42 -8.75 -24.06
C PRO B 221 17.37 -10.27 -23.87
N SER B 222 18.53 -10.86 -23.54
CA SER B 222 18.73 -12.31 -23.47
C SER B 222 18.48 -12.89 -24.85
N THR B 223 19.40 -12.57 -25.76
CA THR B 223 19.22 -12.88 -27.16
C THR B 223 20.49 -13.46 -27.78
#